data_5VWW
#
_entry.id   5VWW
#
_cell.length_a   87.790
_cell.length_b   87.790
_cell.length_c   95.460
_cell.angle_alpha   90.00
_cell.angle_beta   90.00
_cell.angle_gamma   90.00
#
_symmetry.space_group_name_H-M   'P 43 21 2'
#
loop_
_entity.id
_entity.type
_entity.pdbx_description
1 polymer 'Bcl-2 homologous antagonist/killer'
2 polymer 'Bcl-2-like protein 11'
3 non-polymer (4S)-2-METHYL-2,4-PENTANEDIOL
4 non-polymer 'BROMIDE ION'
5 non-polymer IMIDAZOLE
6 water water
#
loop_
_entity_poly.entity_id
_entity_poly.type
_entity_poly.pdbx_seq_one_letter_code
_entity_poly.pdbx_strand_id
1 'polypeptide(L)'
;GPLGSMSEEQVAQDTEEVFRSYVFYRHQQEQEAEGVAAPADPEMVTLPLQPSSTMGQVGRQLAIIGDDINRRYDSEFQTM
LQHLQPTAENAYEYFTKIATSLFESGINWGRVVALLGFGYRLALHVYQHGLTGFLGQVTRFVVDFMLHHSIARWIAQRGG
WVAALNLGNG
;
A,B
2 'polypeptide(L)' DMRPEIRIAQELRRIGDEFNATYARR C,D
#
loop_
_chem_comp.id
_chem_comp.type
_chem_comp.name
_chem_comp.formula
BR non-polymer 'BROMIDE ION' 'Br -1'
IMD non-polymer IMIDAZOLE 'C3 H5 N2 1'
MPD non-polymer (4S)-2-METHYL-2,4-PENTANEDIOL 'C6 H14 O2'
#
# COMPACT_ATOMS: atom_id res chain seq x y z
N LEU A 3 -2.38 40.86 -14.02
CA LEU A 3 -2.05 41.10 -12.62
C LEU A 3 -1.50 39.84 -11.98
N GLY A 4 -0.19 39.83 -11.74
CA GLY A 4 0.46 38.69 -11.12
C GLY A 4 1.21 37.84 -12.12
N SER A 5 1.80 36.78 -11.59
CA SER A 5 2.59 35.84 -12.38
C SER A 5 2.64 34.52 -11.63
N MET A 6 3.11 33.47 -12.33
CA MET A 6 3.22 32.15 -11.74
C MET A 6 4.32 32.13 -10.69
N SER A 7 3.95 31.92 -9.44
CA SER A 7 4.95 31.84 -8.38
C SER A 7 5.35 30.38 -8.15
N GLU A 8 6.33 30.19 -7.26
CA GLU A 8 6.70 28.84 -6.86
C GLU A 8 5.53 28.13 -6.20
N GLU A 9 4.93 28.78 -5.19
CA GLU A 9 3.82 28.18 -4.45
C GLU A 9 2.66 27.84 -5.37
N GLN A 10 2.41 28.67 -6.38
CA GLN A 10 1.34 28.36 -7.31
C GLN A 10 1.62 27.06 -8.06
N VAL A 11 2.87 26.85 -8.47
CA VAL A 11 3.24 25.57 -9.08
C VAL A 11 3.10 24.45 -8.07
N ALA A 12 3.50 24.70 -6.83
CA ALA A 12 3.43 23.67 -5.79
C ALA A 12 2.00 23.20 -5.58
N GLN A 13 1.08 24.14 -5.36
CA GLN A 13 -0.33 23.76 -5.16
C GLN A 13 -0.87 23.00 -6.36
N ASP A 14 -0.53 23.44 -7.57
CA ASP A 14 -1.00 22.73 -8.76
C ASP A 14 -0.39 21.35 -8.88
N THR A 15 0.85 21.17 -8.41
CA THR A 15 1.52 19.87 -8.50
C THR A 15 0.71 18.78 -7.82
N GLU A 16 0.06 19.11 -6.70
CA GLU A 16 -0.76 18.12 -6.02
C GLU A 16 -1.86 17.60 -6.92
N GLU A 17 -2.61 18.51 -7.56
CA GLU A 17 -3.67 18.07 -8.45
C GLU A 17 -3.11 17.40 -9.70
N VAL A 18 -1.99 17.90 -10.22
CA VAL A 18 -1.38 17.30 -11.40
C VAL A 18 -0.89 15.88 -11.10
N PHE A 19 -0.13 15.72 -10.02
CA PHE A 19 0.39 14.40 -9.70
C PHE A 19 -0.72 13.41 -9.39
N ARG A 20 -1.79 13.87 -8.72
CA ARG A 20 -2.91 12.98 -8.44
C ARG A 20 -3.51 12.44 -9.74
N SER A 21 -3.80 13.34 -10.69
CA SER A 21 -4.35 12.91 -11.97
C SER A 21 -3.35 12.03 -12.72
N TYR A 22 -2.06 12.31 -12.57
CA TYR A 22 -1.04 11.48 -13.21
C TYR A 22 -1.08 10.05 -12.68
N VAL A 23 -1.14 9.89 -11.36
CA VAL A 23 -1.17 8.56 -10.78
C VAL A 23 -2.47 7.85 -11.12
N PHE A 24 -3.59 8.58 -11.13
CA PHE A 24 -4.87 7.95 -11.41
C PHE A 24 -4.91 7.35 -12.80
N TYR A 25 -4.41 8.07 -13.79
CA TYR A 25 -4.46 7.56 -15.16
C TYR A 25 -3.31 6.61 -15.46
N ARG A 26 -2.17 6.76 -14.78
CA ARG A 26 -1.12 5.75 -14.91
C ARG A 26 -1.63 4.40 -14.42
N HIS A 27 -2.26 4.39 -13.26
CA HIS A 27 -2.82 3.16 -12.71
C HIS A 27 -3.94 2.62 -13.61
N GLN A 28 -4.79 3.50 -14.13
CA GLN A 28 -5.88 3.07 -14.99
C GLN A 28 -5.37 2.35 -16.24
N GLN A 29 -4.21 2.74 -16.76
CA GLN A 29 -3.70 2.11 -17.96
C GLN A 29 -3.00 0.79 -17.64
N GLU A 30 -2.30 0.73 -16.51
CA GLU A 30 -1.75 -0.55 -16.06
C GLU A 30 -2.84 -1.54 -15.69
N GLN A 31 -4.05 -1.06 -15.40
CA GLN A 31 -5.16 -1.94 -15.06
C GLN A 31 -5.76 -2.58 -16.30
N GLU A 32 -6.08 -1.77 -17.32
CA GLU A 32 -6.64 -2.31 -18.55
C GLU A 32 -5.62 -3.17 -19.29
N ALA A 33 -4.34 -2.90 -19.11
CA ALA A 33 -3.29 -3.68 -19.76
C ALA A 33 -3.12 -5.06 -19.12
N GLU A 34 -3.90 -5.39 -18.11
CA GLU A 34 -3.80 -6.70 -17.46
C GLU A 34 -4.71 -7.71 -18.16
N PRO A 51 -11.52 14.10 -15.97
CA PRO A 51 -11.00 15.09 -16.91
C PRO A 51 -11.74 16.42 -16.81
N SER A 52 -11.85 16.96 -15.60
CA SER A 52 -12.59 18.20 -15.40
C SER A 52 -11.69 19.43 -15.40
N SER A 53 -10.93 19.62 -14.31
CA SER A 53 -10.08 20.79 -14.19
C SER A 53 -8.93 20.74 -15.21
N THR A 54 -8.31 21.91 -15.39
CA THR A 54 -7.20 22.01 -16.34
C THR A 54 -5.96 21.31 -15.81
N MET A 55 -5.71 21.37 -14.50
CA MET A 55 -4.60 20.62 -13.94
C MET A 55 -4.83 19.12 -14.04
N GLY A 56 -6.08 18.68 -13.91
CA GLY A 56 -6.37 17.27 -14.08
C GLY A 56 -6.08 16.77 -15.48
N GLN A 57 -6.32 17.62 -16.49
CA GLN A 57 -6.02 17.23 -17.86
C GLN A 57 -4.51 17.18 -18.11
N VAL A 58 -3.75 18.08 -17.49
CA VAL A 58 -2.29 18.01 -17.60
C VAL A 58 -1.79 16.68 -17.06
N GLY A 59 -2.35 16.24 -15.93
CA GLY A 59 -1.99 14.93 -15.41
C GLY A 59 -2.34 13.80 -16.37
N ARG A 60 -3.51 13.90 -17.02
CA ARG A 60 -3.89 12.87 -17.97
C ARG A 60 -2.96 12.85 -19.17
N GLN A 61 -2.63 14.03 -19.71
CA GLN A 61 -1.70 14.10 -20.84
C GLN A 61 -0.33 13.54 -20.46
N LEU A 62 0.16 13.91 -19.27
CA LEU A 62 1.44 13.38 -18.82
C LEU A 62 1.35 11.88 -18.54
N ALA A 63 0.21 11.43 -17.99
CA ALA A 63 0.05 10.00 -17.75
C ALA A 63 0.08 9.21 -19.05
N ILE A 64 -0.42 9.80 -20.14
CA ILE A 64 -0.34 9.14 -21.43
C ILE A 64 1.10 9.04 -21.89
N ILE A 65 1.86 10.12 -21.73
CA ILE A 65 3.27 10.12 -22.10
C ILE A 65 4.06 9.19 -21.20
N GLY A 66 3.85 9.30 -19.88
CA GLY A 66 4.56 8.44 -18.95
C GLY A 66 4.33 6.97 -19.18
N ASP A 67 3.15 6.60 -19.67
CA ASP A 67 2.85 5.20 -19.93
C ASP A 67 3.63 4.66 -21.12
N ASP A 68 3.86 5.50 -22.14
CA ASP A 68 4.67 5.08 -23.28
C ASP A 68 6.14 4.93 -22.88
N ILE A 69 6.66 5.89 -22.11
CA ILE A 69 8.02 5.78 -21.62
C ILE A 69 8.16 4.57 -20.73
N ASN A 70 7.09 4.22 -20.01
CA ASN A 70 7.14 3.07 -19.11
C ASN A 70 7.18 1.76 -19.88
N ARG A 71 6.27 1.56 -20.83
CA ARG A 71 6.29 0.31 -21.60
C ARG A 71 7.63 0.07 -22.28
N ARG A 72 8.42 1.12 -22.50
CA ARG A 72 9.74 0.98 -23.12
C ARG A 72 10.84 0.73 -22.11
N TYR A 73 10.82 1.42 -20.97
CA TYR A 73 11.92 1.37 -20.02
C TYR A 73 11.55 0.85 -18.64
N ASP A 74 10.38 0.25 -18.47
CA ASP A 74 10.00 -0.20 -17.14
C ASP A 74 10.82 -1.42 -16.70
N SER A 75 11.04 -2.37 -17.60
CA SER A 75 11.70 -3.62 -17.24
C SER A 75 13.04 -3.37 -16.57
N GLU A 76 13.83 -2.43 -17.09
CA GLU A 76 15.15 -2.17 -16.50
C GLU A 76 15.03 -1.57 -15.11
N PHE A 77 13.99 -0.75 -14.86
CA PHE A 77 13.84 -0.15 -13.54
C PHE A 77 13.32 -1.15 -12.52
N GLN A 78 12.56 -2.15 -12.95
CA GLN A 78 12.16 -3.22 -12.05
C GLN A 78 13.37 -3.89 -11.43
N THR A 79 14.42 -4.12 -12.23
CA THR A 79 15.64 -4.74 -11.73
C THR A 79 16.43 -3.79 -10.84
N MET A 80 16.58 -2.53 -11.28
CA MET A 80 17.32 -1.56 -10.49
C MET A 80 16.63 -1.29 -9.16
N LEU A 81 15.29 -1.36 -9.12
CA LEU A 81 14.60 -1.21 -7.84
C LEU A 81 14.84 -2.40 -6.92
N GLN A 82 15.02 -3.60 -7.49
CA GLN A 82 15.32 -4.77 -6.67
C GLN A 82 16.62 -4.57 -5.90
N HIS A 83 17.68 -4.13 -6.59
CA HIS A 83 18.97 -3.94 -5.91
C HIS A 83 18.95 -2.76 -4.96
N LEU A 84 18.20 -1.72 -5.30
CA LEU A 84 18.06 -0.58 -4.38
C LEU A 84 17.39 -1.01 -3.07
N GLN A 85 16.42 -1.92 -3.14
CA GLN A 85 15.69 -2.40 -1.97
C GLN A 85 15.07 -1.27 -1.15
N PRO A 86 14.22 -0.45 -1.76
CA PRO A 86 13.63 0.66 -1.01
C PRO A 86 12.55 0.15 -0.06
N THR A 87 12.66 0.54 1.21
CA THR A 87 11.65 0.25 2.20
C THR A 87 10.93 1.53 2.58
N ALA A 88 9.83 1.40 3.31
CA ALA A 88 9.07 2.58 3.72
C ALA A 88 9.92 3.56 4.52
N GLU A 89 11.01 3.08 5.12
CA GLU A 89 11.87 3.94 5.92
C GLU A 89 12.74 4.84 5.05
N ASN A 90 13.60 4.25 4.23
CA ASN A 90 14.55 5.01 3.43
C ASN A 90 14.01 5.42 2.06
N ALA A 91 12.73 5.20 1.79
CA ALA A 91 12.19 5.57 0.48
C ALA A 91 12.36 7.06 0.22
N TYR A 92 12.02 7.89 1.21
CA TYR A 92 12.21 9.32 1.08
C TYR A 92 13.69 9.66 0.89
N GLU A 93 14.56 9.03 1.68
CA GLU A 93 15.99 9.26 1.55
C GLU A 93 16.47 8.95 0.13
N TYR A 94 16.09 7.77 -0.40
CA TYR A 94 16.53 7.39 -1.74
C TYR A 94 15.90 8.28 -2.80
N PHE A 95 14.62 8.62 -2.64
CA PHE A 95 13.97 9.47 -3.62
C PHE A 95 14.62 10.85 -3.67
N THR A 96 15.04 11.36 -2.51
CA THR A 96 15.64 12.70 -2.46
C THR A 96 16.95 12.75 -3.25
N LYS A 97 17.91 11.88 -2.88
CA LYS A 97 19.22 11.96 -3.53
C LYS A 97 19.18 11.52 -4.99
N ILE A 98 18.24 10.64 -5.36
CA ILE A 98 18.11 10.25 -6.76
C ILE A 98 17.62 11.43 -7.59
N ALA A 99 16.58 12.12 -7.12
CA ALA A 99 16.07 13.28 -7.84
C ALA A 99 17.09 14.43 -7.83
N THR A 100 17.88 14.55 -6.77
CA THR A 100 18.91 15.59 -6.73
C THR A 100 19.93 15.39 -7.85
N SER A 101 20.41 14.16 -8.02
CA SER A 101 21.34 13.87 -9.11
C SER A 101 20.67 14.02 -10.47
N LEU A 102 19.35 13.88 -10.54
CA LEU A 102 18.65 14.02 -11.81
C LEU A 102 18.70 15.46 -12.32
N PHE A 103 18.55 16.43 -11.42
CA PHE A 103 18.51 17.83 -11.81
C PHE A 103 19.79 18.59 -11.50
N GLU A 104 20.84 17.90 -11.07
CA GLU A 104 22.08 18.58 -10.72
C GLU A 104 22.68 19.30 -11.93
N SER A 105 22.61 18.67 -13.11
CA SER A 105 23.17 19.25 -14.32
C SER A 105 22.15 20.03 -15.13
N GLY A 106 20.97 20.29 -14.58
CA GLY A 106 19.96 21.05 -15.30
C GLY A 106 18.55 20.52 -15.16
N ILE A 107 17.58 21.28 -15.67
CA ILE A 107 16.16 20.92 -15.57
C ILE A 107 15.53 21.08 -16.95
N ASN A 108 14.73 20.11 -17.35
CA ASN A 108 13.94 20.23 -18.56
C ASN A 108 12.67 19.42 -18.38
N TRP A 109 11.70 19.65 -19.27
CA TRP A 109 10.42 18.96 -19.14
C TRP A 109 10.59 17.45 -19.16
N GLY A 110 11.55 16.95 -19.95
CA GLY A 110 11.78 15.51 -19.98
C GLY A 110 12.20 14.97 -18.63
N ARG A 111 13.17 15.62 -17.98
CA ARG A 111 13.58 15.16 -16.66
C ARG A 111 12.45 15.30 -15.65
N VAL A 112 11.60 16.31 -15.79
CA VAL A 112 10.45 16.43 -14.90
C VAL A 112 9.50 15.26 -15.11
N VAL A 113 9.25 14.88 -16.37
CA VAL A 113 8.40 13.74 -16.65
C VAL A 113 8.99 12.47 -16.07
N ALA A 114 10.32 12.29 -16.20
CA ALA A 114 10.97 11.12 -15.61
C ALA A 114 10.81 11.09 -14.10
N LEU A 115 10.84 12.27 -13.46
CA LEU A 115 10.68 12.35 -12.02
C LEU A 115 9.31 11.80 -11.59
N LEU A 116 8.25 12.19 -12.30
CA LEU A 116 6.93 11.68 -11.95
C LEU A 116 6.86 10.17 -12.16
N GLY A 117 7.40 9.69 -13.28
CA GLY A 117 7.39 8.25 -13.52
C GLY A 117 8.15 7.47 -12.48
N PHE A 118 9.27 8.02 -12.00
CA PHE A 118 10.03 7.34 -10.96
C PHE A 118 9.30 7.39 -9.62
N GLY A 119 8.76 8.56 -9.26
CA GLY A 119 8.01 8.66 -8.03
C GLY A 119 6.81 7.73 -7.98
N TYR A 120 6.11 7.59 -9.11
CA TYR A 120 4.98 6.66 -9.16
C TYR A 120 5.44 5.22 -8.97
N ARG A 121 6.50 4.82 -9.68
CA ARG A 121 6.99 3.45 -9.57
C ARG A 121 7.59 3.16 -8.21
N LEU A 122 8.36 4.10 -7.67
CA LEU A 122 8.93 3.92 -6.34
C LEU A 122 7.83 3.79 -5.29
N ALA A 123 6.74 4.54 -5.47
CA ALA A 123 5.61 4.44 -4.55
C ALA A 123 5.01 3.04 -4.58
N LEU A 124 4.52 2.63 -5.76
CA LEU A 124 3.91 1.31 -5.88
C LEU A 124 4.86 0.21 -5.46
N HIS A 125 6.15 0.35 -5.76
CA HIS A 125 7.11 -0.67 -5.38
C HIS A 125 7.18 -0.80 -3.85
N VAL A 126 7.44 0.32 -3.16
CA VAL A 126 7.49 0.31 -1.71
C VAL A 126 6.16 -0.13 -1.12
N TYR A 127 5.05 0.21 -1.78
CA TYR A 127 3.74 -0.17 -1.26
C TYR A 127 3.53 -1.67 -1.34
N GLN A 128 3.81 -2.26 -2.51
CA GLN A 128 3.59 -3.69 -2.69
C GLN A 128 4.51 -4.51 -1.79
N HIS A 129 5.80 -4.16 -1.75
CA HIS A 129 6.76 -4.91 -0.94
C HIS A 129 6.60 -4.68 0.55
N GLY A 130 5.82 -3.69 0.98
CA GLY A 130 5.57 -3.48 2.38
C GLY A 130 4.42 -4.27 2.96
N LEU A 131 3.78 -5.11 2.15
CA LEU A 131 2.62 -5.87 2.61
C LEU A 131 3.00 -6.89 3.68
N THR A 132 4.04 -7.68 3.41
CA THR A 132 4.51 -8.66 4.40
C THR A 132 4.87 -7.97 5.72
N GLY A 133 5.41 -6.76 5.66
CA GLY A 133 5.70 -6.04 6.88
C GLY A 133 4.44 -5.72 7.67
N PHE A 134 3.36 -5.33 6.97
CA PHE A 134 2.10 -5.05 7.65
C PHE A 134 1.47 -6.32 8.21
N LEU A 135 1.64 -7.47 7.54
CA LEU A 135 1.12 -8.72 8.06
C LEU A 135 1.78 -9.08 9.39
N GLY A 136 3.07 -8.78 9.54
CA GLY A 136 3.74 -9.01 10.80
C GLY A 136 3.12 -8.22 11.94
N GLN A 137 2.78 -6.96 11.68
CA GLN A 137 2.14 -6.13 12.71
C GLN A 137 0.78 -6.71 13.11
N VAL A 138 -0.01 -7.16 12.14
CA VAL A 138 -1.29 -7.78 12.46
C VAL A 138 -1.08 -9.09 13.20
N THR A 139 -0.04 -9.84 12.83
CA THR A 139 0.27 -11.07 13.56
C THR A 139 0.55 -10.77 15.02
N ARG A 140 1.23 -9.65 15.30
CA ARG A 140 1.45 -9.30 16.69
C ARG A 140 0.15 -8.89 17.37
N PHE A 141 -0.79 -8.31 16.62
CA PHE A 141 -2.09 -7.98 17.18
C PHE A 141 -2.82 -9.24 17.63
N VAL A 142 -2.81 -10.27 16.79
CA VAL A 142 -3.45 -11.54 17.15
C VAL A 142 -2.76 -12.15 18.35
N VAL A 143 -1.43 -12.26 18.30
CA VAL A 143 -0.66 -12.82 19.41
C VAL A 143 -0.88 -12.01 20.68
N ASP A 144 -0.81 -10.68 20.57
CA ASP A 144 -0.99 -9.82 21.73
C ASP A 144 -2.36 -10.00 22.37
N PHE A 145 -3.40 -10.14 21.56
CA PHE A 145 -4.74 -10.33 22.10
C PHE A 145 -4.87 -11.67 22.80
N MET A 146 -4.45 -12.74 22.12
CA MET A 146 -4.62 -14.08 22.68
C MET A 146 -3.85 -14.25 23.99
N LEU A 147 -2.70 -13.59 24.13
CA LEU A 147 -1.88 -13.75 25.33
C LEU A 147 -2.61 -13.25 26.58
N HIS A 148 -3.07 -12.01 26.55
CA HIS A 148 -3.62 -11.36 27.74
C HIS A 148 -5.12 -11.55 27.91
N HIS A 149 -5.82 -12.09 26.91
CA HIS A 149 -7.27 -12.31 27.00
C HIS A 149 -7.61 -13.77 27.15
N SER A 150 -6.74 -14.53 27.81
CA SER A 150 -6.96 -15.94 28.19
C SER A 150 -7.22 -16.84 26.99
N ILE A 151 -6.96 -16.37 25.77
CA ILE A 151 -7.15 -17.24 24.60
C ILE A 151 -6.05 -18.29 24.55
N ALA A 152 -4.81 -17.88 24.81
CA ALA A 152 -3.70 -18.82 24.84
C ALA A 152 -3.86 -19.80 26.01
N ARG A 153 -4.37 -19.33 27.14
CA ARG A 153 -4.66 -20.22 28.26
C ARG A 153 -5.69 -21.28 27.88
N TRP A 154 -6.74 -20.86 27.16
CA TRP A 154 -7.77 -21.81 26.72
C TRP A 154 -7.21 -22.81 25.72
N ILE A 155 -6.44 -22.32 24.74
CA ILE A 155 -5.89 -23.22 23.72
C ILE A 155 -4.87 -24.17 24.34
N ALA A 156 -4.00 -23.67 25.21
CA ALA A 156 -2.99 -24.53 25.83
C ALA A 156 -3.64 -25.65 26.63
N GLN A 157 -4.74 -25.36 27.32
CA GLN A 157 -5.44 -26.36 28.10
C GLN A 157 -6.25 -27.32 27.23
N ARG A 158 -6.74 -26.85 26.08
CA ARG A 158 -7.51 -27.70 25.17
C ARG A 158 -6.63 -28.64 24.35
N GLY A 159 -5.33 -28.69 24.65
CA GLY A 159 -4.39 -29.54 23.93
C GLY A 159 -3.42 -28.80 23.04
N GLY A 160 -3.46 -27.47 23.02
CA GLY A 160 -2.58 -26.69 22.18
C GLY A 160 -3.17 -26.45 20.80
N TRP A 161 -2.32 -25.91 19.93
CA TRP A 161 -2.73 -25.65 18.56
C TRP A 161 -2.94 -26.92 17.76
N VAL A 162 -2.30 -28.02 18.17
CA VAL A 162 -2.45 -29.30 17.48
C VAL A 162 -3.88 -29.81 17.51
N ALA A 163 -4.69 -29.36 18.46
CA ALA A 163 -6.08 -29.83 18.56
C ALA A 163 -6.92 -29.42 17.37
N ALA A 164 -6.53 -28.38 16.63
CA ALA A 164 -7.32 -27.93 15.49
C ALA A 164 -7.46 -29.02 14.43
N LEU A 165 -6.41 -29.80 14.21
CA LEU A 165 -6.43 -30.85 13.20
C LEU A 165 -7.50 -31.90 13.52
N SER B 7 3.41 -22.61 29.28
CA SER B 7 2.30 -23.22 28.56
C SER B 7 1.65 -22.22 27.61
N GLU B 8 1.31 -21.04 28.14
CA GLU B 8 0.76 -19.97 27.30
C GLU B 8 1.77 -19.53 26.25
N GLU B 9 3.02 -19.28 26.66
CA GLU B 9 4.04 -18.79 25.73
C GLU B 9 4.22 -19.73 24.55
N GLN B 10 4.10 -21.03 24.77
CA GLN B 10 4.18 -21.98 23.67
C GLN B 10 3.07 -21.76 22.65
N VAL B 11 1.85 -21.50 23.13
CA VAL B 11 0.74 -21.20 22.24
C VAL B 11 0.97 -19.87 21.52
N ALA B 12 1.50 -18.88 22.24
CA ALA B 12 1.75 -17.57 21.63
C ALA B 12 2.75 -17.68 20.48
N GLN B 13 3.89 -18.31 20.73
CA GLN B 13 4.92 -18.47 19.69
C GLN B 13 4.37 -19.22 18.48
N ASP B 14 3.59 -20.27 18.71
CA ASP B 14 3.01 -21.02 17.61
C ASP B 14 2.00 -20.18 16.83
N THR B 15 1.33 -19.23 17.51
CA THR B 15 0.33 -18.41 16.84
C THR B 15 0.93 -17.67 15.65
N GLU B 16 2.16 -17.19 15.77
CA GLU B 16 2.81 -16.50 14.67
C GLU B 16 2.92 -17.41 13.44
N GLU B 17 3.42 -18.64 13.63
CA GLU B 17 3.58 -19.55 12.50
C GLU B 17 2.23 -19.98 11.94
N VAL B 18 1.25 -20.22 12.81
CA VAL B 18 -0.07 -20.65 12.34
C VAL B 18 -0.72 -19.55 11.52
N PHE B 19 -0.72 -18.31 12.05
CA PHE B 19 -1.38 -17.20 11.37
C PHE B 19 -0.70 -16.91 10.02
N ARG B 20 0.63 -17.05 9.95
CA ARG B 20 1.34 -16.85 8.69
C ARG B 20 0.82 -17.80 7.61
N SER B 21 0.78 -19.11 7.92
CA SER B 21 0.28 -20.08 6.95
C SER B 21 -1.19 -19.85 6.62
N TYR B 22 -1.98 -19.38 7.59
CA TYR B 22 -3.38 -19.09 7.32
C TYR B 22 -3.52 -18.02 6.25
N VAL B 23 -2.76 -16.94 6.38
CA VAL B 23 -2.80 -15.87 5.38
C VAL B 23 -2.20 -16.35 4.06
N PHE B 24 -1.15 -17.18 4.13
CA PHE B 24 -0.50 -17.66 2.92
C PHE B 24 -1.46 -18.45 2.05
N TYR B 25 -2.28 -19.31 2.64
CA TYR B 25 -3.22 -20.13 1.88
C TYR B 25 -4.55 -19.42 1.63
N ARG B 26 -4.98 -18.51 2.51
CA ARG B 26 -6.18 -17.73 2.25
C ARG B 26 -6.03 -16.92 0.96
N HIS B 27 -4.92 -16.19 0.82
CA HIS B 27 -4.69 -15.42 -0.38
C HIS B 27 -4.58 -16.32 -1.61
N GLN B 28 -3.92 -17.48 -1.47
CA GLN B 28 -3.77 -18.40 -2.58
C GLN B 28 -5.13 -18.82 -3.13
N GLN B 29 -6.15 -18.90 -2.28
CA GLN B 29 -7.49 -19.30 -2.71
C GLN B 29 -8.23 -18.11 -3.31
N PRO B 51 5.67 -24.16 3.37
CA PRO B 51 4.78 -24.61 4.44
C PRO B 51 5.13 -26.01 4.95
N SER B 52 6.41 -26.22 5.26
CA SER B 52 6.91 -27.51 5.71
C SER B 52 7.02 -27.51 7.23
N SER B 53 5.89 -27.75 7.89
CA SER B 53 5.84 -27.74 9.35
C SER B 53 4.48 -28.22 9.80
N THR B 54 4.41 -28.60 11.09
CA THR B 54 3.15 -29.04 11.66
C THR B 54 2.20 -27.86 11.89
N MET B 55 2.75 -26.71 12.29
CA MET B 55 1.92 -25.52 12.45
C MET B 55 1.43 -25.00 11.11
N GLY B 56 2.25 -25.13 10.06
CA GLY B 56 1.81 -24.72 8.73
C GLY B 56 0.63 -25.51 8.23
N GLN B 57 0.54 -26.80 8.59
CA GLN B 57 -0.60 -27.60 8.20
C GLN B 57 -1.87 -27.14 8.90
N VAL B 58 -1.75 -26.72 10.16
CA VAL B 58 -2.89 -26.16 10.89
C VAL B 58 -3.39 -24.91 10.17
N GLY B 59 -2.48 -24.07 9.72
CA GLY B 59 -2.88 -22.90 8.96
C GLY B 59 -3.58 -23.25 7.66
N ARG B 60 -3.09 -24.28 6.98
CA ARG B 60 -3.72 -24.70 5.72
C ARG B 60 -5.13 -25.24 5.97
N GLN B 61 -5.31 -26.04 7.02
CA GLN B 61 -6.63 -26.54 7.36
C GLN B 61 -7.59 -25.41 7.71
N LEU B 62 -7.11 -24.45 8.51
CA LEU B 62 -7.95 -23.32 8.89
C LEU B 62 -8.26 -22.41 7.70
N ALA B 63 -7.28 -22.24 6.80
CA ALA B 63 -7.51 -21.39 5.63
C ALA B 63 -8.61 -21.96 4.73
N ILE B 64 -8.73 -23.28 4.64
CA ILE B 64 -9.78 -23.87 3.82
C ILE B 64 -11.15 -23.59 4.43
N ILE B 65 -11.28 -23.78 5.74
CA ILE B 65 -12.55 -23.52 6.41
C ILE B 65 -12.86 -22.03 6.42
N GLY B 66 -11.87 -21.20 6.76
CA GLY B 66 -12.08 -19.76 6.79
C GLY B 66 -12.50 -19.18 5.46
N ASP B 67 -12.04 -19.78 4.36
CA ASP B 67 -12.42 -19.30 3.03
C ASP B 67 -13.87 -19.62 2.72
N ASP B 68 -14.38 -20.76 3.20
CA ASP B 68 -15.78 -21.11 2.96
C ASP B 68 -16.72 -20.19 3.71
N ILE B 69 -16.45 -19.93 4.99
CA ILE B 69 -17.26 -18.98 5.74
C ILE B 69 -17.19 -17.60 5.14
N ASN B 70 -16.03 -17.25 4.57
CA ASN B 70 -15.85 -15.94 3.95
C ASN B 70 -16.64 -15.79 2.66
N ARG B 71 -17.08 -16.90 2.06
CA ARG B 71 -17.80 -16.81 0.79
C ARG B 71 -19.28 -16.51 0.96
N ARG B 72 -19.81 -16.56 2.18
CA ARG B 72 -21.23 -16.31 2.43
C ARG B 72 -21.50 -14.99 3.13
N TYR B 73 -20.65 -14.59 4.08
CA TYR B 73 -20.90 -13.43 4.92
C TYR B 73 -19.90 -12.31 4.69
N ASP B 74 -19.13 -12.35 3.61
CA ASP B 74 -18.14 -11.29 3.36
C ASP B 74 -18.82 -10.00 2.94
N SER B 75 -19.85 -10.09 2.10
CA SER B 75 -20.51 -8.90 1.56
C SER B 75 -20.98 -7.97 2.66
N GLU B 76 -21.59 -8.51 3.72
CA GLU B 76 -22.11 -7.65 4.79
C GLU B 76 -20.98 -6.96 5.56
N PHE B 77 -19.84 -7.62 5.73
CA PHE B 77 -18.73 -7.00 6.46
C PHE B 77 -18.04 -5.92 5.63
N GLN B 78 -18.11 -6.01 4.30
CA GLN B 78 -17.56 -4.96 3.46
C GLN B 78 -18.15 -3.61 3.80
N THR B 79 -19.45 -3.57 4.09
CA THR B 79 -20.11 -2.32 4.44
C THR B 79 -19.69 -1.85 5.84
N MET B 80 -19.69 -2.76 6.82
CA MET B 80 -19.31 -2.37 8.18
C MET B 80 -17.86 -1.93 8.25
N LEU B 81 -16.99 -2.50 7.41
CA LEU B 81 -15.61 -2.01 7.35
C LEU B 81 -15.54 -0.64 6.72
N GLN B 82 -16.49 -0.30 5.84
CA GLN B 82 -16.53 1.02 5.26
C GLN B 82 -16.79 2.08 6.32
N HIS B 83 -17.74 1.80 7.23
CA HIS B 83 -18.10 2.79 8.24
C HIS B 83 -17.11 2.80 9.40
N LEU B 84 -16.53 1.65 9.74
CA LEU B 84 -15.51 1.62 10.78
C LEU B 84 -14.30 2.44 10.38
N GLN B 85 -13.93 2.39 9.10
CA GLN B 85 -12.81 3.11 8.52
C GLN B 85 -11.51 2.81 9.27
N PRO B 86 -11.09 1.55 9.35
CA PRO B 86 -9.86 1.24 10.09
C PRO B 86 -8.63 1.66 9.28
N THR B 87 -7.76 2.44 9.91
CA THR B 87 -6.49 2.83 9.34
C THR B 87 -5.36 2.12 10.07
N ALA B 88 -4.17 2.18 9.48
CA ALA B 88 -3.01 1.52 10.08
C ALA B 88 -2.70 2.04 11.47
N GLU B 89 -3.15 3.26 11.81
CA GLU B 89 -2.86 3.82 13.12
C GLU B 89 -3.76 3.20 14.19
N ASN B 90 -5.07 3.31 14.03
CA ASN B 90 -6.03 2.84 15.02
C ASN B 90 -6.46 1.39 14.79
N ALA B 91 -5.79 0.67 13.88
CA ALA B 91 -6.18 -0.71 13.59
C ALA B 91 -6.11 -1.59 14.83
N TYR B 92 -5.01 -1.51 15.60
CA TYR B 92 -4.91 -2.32 16.81
C TYR B 92 -6.00 -1.96 17.81
N GLU B 93 -6.24 -0.66 18.02
CA GLU B 93 -7.29 -0.24 18.94
C GLU B 93 -8.64 -0.85 18.57
N TYR B 94 -9.01 -0.75 17.29
CA TYR B 94 -10.29 -1.30 16.86
C TYR B 94 -10.30 -2.82 16.91
N PHE B 95 -9.19 -3.46 16.52
CA PHE B 95 -9.14 -4.92 16.56
C PHE B 95 -9.29 -5.44 17.97
N THR B 96 -8.70 -4.76 18.95
CA THR B 96 -8.73 -5.23 20.33
C THR B 96 -10.15 -5.28 20.88
N LYS B 97 -10.84 -4.15 20.87
CA LYS B 97 -12.18 -4.11 21.45
C LYS B 97 -13.19 -4.92 20.62
N ILE B 98 -12.96 -5.05 19.31
CA ILE B 98 -13.84 -5.90 18.51
C ILE B 98 -13.65 -7.36 18.91
N ALA B 99 -12.40 -7.80 19.01
CA ALA B 99 -12.13 -9.17 19.45
C ALA B 99 -12.54 -9.39 20.90
N THR B 100 -12.45 -8.35 21.73
CA THR B 100 -12.87 -8.47 23.12
C THR B 100 -14.36 -8.79 23.23
N SER B 101 -15.19 -8.07 22.48
CA SER B 101 -16.62 -8.35 22.46
C SER B 101 -16.93 -9.70 21.84
N LEU B 102 -16.05 -10.22 21.00
CA LEU B 102 -16.28 -11.52 20.37
C LEU B 102 -16.22 -12.65 21.39
N PHE B 103 -15.28 -12.59 22.32
CA PHE B 103 -15.06 -13.66 23.30
C PHE B 103 -15.56 -13.30 24.69
N GLU B 104 -16.25 -12.17 24.85
CA GLU B 104 -16.70 -11.75 26.17
C GLU B 104 -17.69 -12.75 26.77
N SER B 105 -18.54 -13.35 25.95
CA SER B 105 -19.54 -14.29 26.41
C SER B 105 -19.07 -15.74 26.36
N GLY B 106 -17.78 -15.98 26.14
CA GLY B 106 -17.26 -17.33 26.11
C GLY B 106 -16.25 -17.56 25.00
N ILE B 107 -15.60 -18.72 25.02
CA ILE B 107 -14.57 -19.07 24.06
C ILE B 107 -14.86 -20.48 23.54
N ASN B 108 -14.78 -20.65 22.23
CA ASN B 108 -14.90 -21.97 21.61
C ASN B 108 -14.10 -21.96 20.32
N TRP B 109 -13.87 -23.15 19.78
CA TRP B 109 -13.07 -23.27 18.56
C TRP B 109 -13.68 -22.47 17.42
N GLY B 110 -15.01 -22.40 17.35
CA GLY B 110 -15.65 -21.63 16.29
C GLY B 110 -15.30 -20.15 16.35
N ARG B 111 -15.44 -19.54 17.53
CA ARG B 111 -15.13 -18.13 17.68
C ARG B 111 -13.66 -17.83 17.44
N VAL B 112 -12.77 -18.75 17.81
CA VAL B 112 -11.34 -18.54 17.57
C VAL B 112 -11.05 -18.49 16.08
N VAL B 113 -11.65 -19.41 15.31
CA VAL B 113 -11.47 -19.40 13.85
C VAL B 113 -11.98 -18.09 13.26
N ALA B 114 -13.13 -17.61 13.74
CA ALA B 114 -13.65 -16.33 13.27
C ALA B 114 -12.68 -15.20 13.55
N LEU B 115 -11.96 -15.28 14.67
CA LEU B 115 -10.95 -14.26 14.96
C LEU B 115 -9.89 -14.20 13.86
N LEU B 116 -9.42 -15.37 13.40
CA LEU B 116 -8.46 -15.39 12.31
C LEU B 116 -9.05 -14.85 11.02
N GLY B 117 -10.31 -15.23 10.73
CA GLY B 117 -10.96 -14.71 9.53
C GLY B 117 -11.10 -13.20 9.56
N PHE B 118 -11.37 -12.64 10.74
CA PHE B 118 -11.46 -11.18 10.87
C PHE B 118 -10.10 -10.53 10.73
N GLY B 119 -9.08 -11.10 11.38
CA GLY B 119 -7.74 -10.56 11.25
C GLY B 119 -7.23 -10.55 9.82
N TYR B 120 -7.54 -11.60 9.06
CA TYR B 120 -7.14 -11.65 7.66
C TYR B 120 -7.83 -10.56 6.86
N ARG B 121 -9.15 -10.42 7.04
CA ARG B 121 -9.89 -9.41 6.29
C ARG B 121 -9.51 -8.00 6.75
N LEU B 122 -9.37 -7.79 8.06
CA LEU B 122 -8.98 -6.48 8.58
C LEU B 122 -7.60 -6.09 8.05
N ALA B 123 -6.70 -7.05 7.92
CA ALA B 123 -5.37 -6.77 7.38
C ALA B 123 -5.45 -6.29 5.95
N LEU B 124 -5.99 -7.12 5.05
CA LEU B 124 -6.07 -6.75 3.64
C LEU B 124 -6.87 -5.48 3.44
N HIS B 125 -7.96 -5.30 4.20
CA HIS B 125 -8.76 -4.09 4.05
C HIS B 125 -7.97 -2.84 4.38
N VAL B 126 -7.36 -2.79 5.57
CA VAL B 126 -6.57 -1.63 5.97
C VAL B 126 -5.42 -1.41 5.00
N TYR B 127 -4.85 -2.49 4.44
CA TYR B 127 -3.74 -2.34 3.52
C TYR B 127 -4.20 -1.76 2.19
N GLN B 128 -5.26 -2.32 1.60
CA GLN B 128 -5.73 -1.85 0.29
C GLN B 128 -6.26 -0.42 0.36
N HIS B 129 -7.09 -0.13 1.36
CA HIS B 129 -7.67 1.20 1.46
C HIS B 129 -6.65 2.26 1.87
N GLY B 130 -5.47 1.86 2.32
CA GLY B 130 -4.44 2.81 2.64
C GLY B 130 -3.56 3.23 1.48
N LEU B 131 -3.85 2.74 0.27
CA LEU B 131 -3.02 3.10 -0.88
C LEU B 131 -3.17 4.58 -1.21
N THR B 132 -4.41 5.04 -1.35
CA THR B 132 -4.63 6.47 -1.58
C THR B 132 -4.01 7.30 -0.47
N GLY B 133 -4.05 6.78 0.77
CA GLY B 133 -3.38 7.45 1.86
C GLY B 133 -1.87 7.50 1.67
N PHE B 134 -1.29 6.41 1.19
CA PHE B 134 0.16 6.39 0.94
C PHE B 134 0.52 7.28 -0.23
N LEU B 135 -0.33 7.32 -1.27
CA LEU B 135 -0.05 8.20 -2.40
C LEU B 135 -0.07 9.66 -1.99
N GLY B 136 -0.96 10.04 -1.06
CA GLY B 136 -0.97 11.41 -0.58
C GLY B 136 0.33 11.80 0.08
N GLN B 137 0.91 10.92 0.89
CA GLN B 137 2.21 11.20 1.49
C GLN B 137 3.29 11.34 0.41
N VAL B 138 3.28 10.45 -0.58
CA VAL B 138 4.25 10.53 -1.67
C VAL B 138 4.05 11.82 -2.46
N THR B 139 2.79 12.24 -2.63
CA THR B 139 2.51 13.51 -3.30
C THR B 139 3.15 14.67 -2.55
N ARG B 140 3.15 14.63 -1.23
CA ARG B 140 3.76 15.70 -0.45
C ARG B 140 5.27 15.68 -0.54
N PHE B 141 5.88 14.50 -0.68
CA PHE B 141 7.33 14.44 -0.86
C PHE B 141 7.76 15.13 -2.15
N VAL B 142 7.04 14.86 -3.25
CA VAL B 142 7.35 15.48 -4.53
C VAL B 142 7.16 16.99 -4.45
N VAL B 143 6.01 17.43 -3.95
CA VAL B 143 5.75 18.87 -3.81
C VAL B 143 6.82 19.52 -2.94
N ASP B 144 7.11 18.90 -1.79
CA ASP B 144 8.16 19.43 -0.91
C ASP B 144 9.49 19.49 -1.62
N PHE B 145 9.78 18.49 -2.47
CA PHE B 145 11.04 18.47 -3.20
C PHE B 145 11.11 19.60 -4.22
N MET B 146 10.06 19.74 -5.03
CA MET B 146 10.06 20.76 -6.07
C MET B 146 10.14 22.16 -5.50
N LEU B 147 9.56 22.39 -4.33
CA LEU B 147 9.63 23.71 -3.70
C LEU B 147 11.06 24.10 -3.40
N HIS B 148 11.78 23.24 -2.69
CA HIS B 148 13.09 23.61 -2.15
C HIS B 148 14.24 23.36 -3.12
N HIS B 149 14.02 22.64 -4.22
CA HIS B 149 15.07 22.39 -5.20
C HIS B 149 14.82 23.12 -6.52
N SER B 150 14.21 24.30 -6.46
CA SER B 150 14.03 25.19 -7.60
C SER B 150 13.28 24.55 -8.77
N ILE B 151 12.64 23.40 -8.56
CA ILE B 151 11.91 22.76 -9.64
C ILE B 151 10.63 23.52 -9.95
N ALA B 152 9.88 23.90 -8.89
CA ALA B 152 8.65 24.65 -9.09
C ALA B 152 8.92 26.03 -9.66
N ARG B 153 10.01 26.67 -9.24
CA ARG B 153 10.38 27.94 -9.83
C ARG B 153 10.68 27.80 -11.33
N TRP B 154 11.38 26.72 -11.70
CA TRP B 154 11.67 26.49 -13.11
C TRP B 154 10.39 26.33 -13.91
N ILE B 155 9.45 25.55 -13.37
CA ILE B 155 8.16 25.38 -14.04
C ILE B 155 7.41 26.70 -14.06
N ALA B 156 7.45 27.45 -12.96
CA ALA B 156 6.74 28.73 -12.89
C ALA B 156 7.21 29.69 -13.97
N GLN B 157 8.51 29.67 -14.29
CA GLN B 157 9.03 30.60 -15.29
C GLN B 157 8.60 30.23 -16.70
N ARG B 158 8.41 28.94 -16.97
CA ARG B 158 7.93 28.49 -18.26
C ARG B 158 6.42 28.61 -18.41
N GLY B 159 5.72 29.19 -17.44
CA GLY B 159 4.28 29.36 -17.50
C GLY B 159 3.48 28.49 -16.56
N GLY B 160 4.11 27.70 -15.71
CA GLY B 160 3.39 26.81 -14.85
C GLY B 160 3.16 25.45 -15.49
N TRP B 161 2.30 24.67 -14.85
CA TRP B 161 1.97 23.35 -15.36
C TRP B 161 1.16 23.40 -16.66
N VAL B 162 0.43 24.49 -16.93
CA VAL B 162 -0.29 24.58 -18.18
C VAL B 162 0.65 24.49 -19.36
N ALA B 163 1.92 24.86 -19.17
CA ALA B 163 2.87 24.79 -20.27
C ALA B 163 3.14 23.36 -20.70
N ALA B 164 2.90 22.39 -19.83
CA ALA B 164 3.16 21.00 -20.17
C ALA B 164 2.32 20.53 -21.34
N LEU B 165 1.16 21.14 -21.56
CA LEU B 165 0.29 20.75 -22.66
C LEU B 165 0.90 21.02 -24.04
N ASN B 166 2.00 21.77 -24.11
CA ASN B 166 2.67 22.06 -25.36
C ASN B 166 3.74 21.04 -25.72
N LEU B 167 3.70 19.85 -25.13
CA LEU B 167 4.69 18.82 -25.41
C LEU B 167 4.15 17.92 -26.52
N GLY B 168 4.68 18.09 -27.73
CA GLY B 168 4.25 17.33 -28.88
C GLY B 168 5.28 17.36 -29.98
N ASN B 169 4.93 16.71 -31.09
CA ASN B 169 5.81 16.59 -32.25
C ASN B 169 7.10 15.85 -31.89
N MET C 2 28.47 -0.41 -10.02
CA MET C 2 27.79 0.83 -9.67
C MET C 2 26.76 0.62 -8.58
N ARG C 3 26.23 1.70 -8.07
CA ARG C 3 25.18 1.67 -7.07
C ARG C 3 23.83 1.99 -7.70
N PRO C 4 22.76 1.35 -7.20
CA PRO C 4 21.44 1.60 -7.79
C PRO C 4 21.03 3.06 -7.80
N GLU C 5 21.41 3.82 -6.76
CA GLU C 5 21.05 5.24 -6.70
C GLU C 5 21.62 5.99 -7.90
N ILE C 6 22.84 5.65 -8.31
CA ILE C 6 23.49 6.38 -9.39
C ILE C 6 23.00 5.88 -10.74
N ARG C 7 22.81 4.58 -10.89
CA ARG C 7 22.35 4.03 -12.16
C ARG C 7 20.93 4.47 -12.48
N ILE C 8 20.07 4.50 -11.45
CA ILE C 8 18.68 4.97 -11.66
C ILE C 8 18.67 6.42 -12.08
N ALA C 9 19.41 7.28 -11.35
CA ALA C 9 19.46 8.68 -11.70
C ALA C 9 20.13 8.90 -13.05
N GLN C 10 21.06 8.02 -13.41
CA GLN C 10 21.70 8.16 -14.71
C GLN C 10 20.74 7.79 -15.84
N GLU C 11 19.85 6.83 -15.60
CA GLU C 11 18.92 6.42 -16.63
C GLU C 11 17.73 7.38 -16.74
N LEU C 12 17.21 7.86 -15.62
CA LEU C 12 16.16 8.88 -15.67
C LEU C 12 16.64 10.10 -16.43
N ARG C 13 17.88 10.53 -16.18
CA ARG C 13 18.46 11.65 -16.91
C ARG C 13 18.56 11.34 -18.40
N ARG C 14 18.96 10.11 -18.74
CA ARG C 14 19.09 9.73 -20.14
C ARG C 14 17.73 9.65 -20.83
N ILE C 15 16.72 9.13 -20.12
CA ILE C 15 15.38 9.00 -20.69
C ILE C 15 14.69 10.35 -20.78
N GLY C 16 14.84 11.18 -19.75
CA GLY C 16 14.24 12.51 -19.80
C GLY C 16 14.79 13.37 -20.91
N ASP C 17 16.13 13.44 -21.01
CA ASP C 17 16.74 14.22 -22.09
C ASP C 17 16.35 13.69 -23.46
N GLU C 18 16.16 12.38 -23.58
CA GLU C 18 15.66 11.81 -24.83
C GLU C 18 14.26 12.34 -25.13
N PHE C 19 13.38 12.33 -24.13
CA PHE C 19 12.05 12.89 -24.33
C PHE C 19 12.12 14.36 -24.69
N ASN C 20 12.98 15.11 -24.00
CA ASN C 20 13.06 16.55 -24.23
C ASN C 20 13.55 16.85 -25.64
N ALA C 21 14.48 16.03 -26.13
CA ALA C 21 15.09 16.31 -27.43
C ALA C 21 14.13 16.13 -28.59
N THR C 22 12.97 15.50 -28.37
CA THR C 22 12.02 15.26 -29.45
C THR C 22 10.64 15.84 -29.21
N TYR C 23 10.27 16.15 -27.97
CA TYR C 23 8.92 16.63 -27.67
C TYR C 23 8.89 18.01 -27.04
N ALA C 24 10.03 18.56 -26.63
CA ALA C 24 10.08 19.94 -26.15
C ALA C 24 10.30 20.83 -27.36
N ARG C 25 9.22 21.47 -27.84
CA ARG C 25 9.29 22.29 -29.04
C ARG C 25 10.23 23.46 -28.81
N ARG C 26 10.91 23.87 -29.89
CA ARG C 26 11.90 24.93 -29.85
C ARG C 26 11.29 26.25 -29.39
N ARG D 3 -22.77 1.37 17.56
CA ARG D 3 -21.42 1.67 17.10
C ARG D 3 -20.93 0.61 16.12
N PRO D 4 -20.05 1.00 15.19
CA PRO D 4 -19.55 0.02 14.22
C PRO D 4 -18.87 -1.18 14.86
N GLU D 5 -18.01 -0.93 15.85
CA GLU D 5 -17.34 -2.03 16.56
C GLU D 5 -18.35 -3.03 17.11
N ILE D 6 -19.45 -2.52 17.67
CA ILE D 6 -20.47 -3.40 18.26
C ILE D 6 -21.13 -4.24 17.17
N ARG D 7 -21.58 -3.59 16.10
CA ARG D 7 -22.26 -4.33 15.03
C ARG D 7 -21.33 -5.35 14.39
N ILE D 8 -20.03 -5.03 14.29
CA ILE D 8 -19.09 -5.96 13.68
C ILE D 8 -18.85 -7.16 14.58
N ALA D 9 -18.45 -6.91 15.83
CA ALA D 9 -18.17 -7.99 16.76
C ALA D 9 -19.43 -8.81 17.05
N GLN D 10 -20.60 -8.18 17.02
CA GLN D 10 -21.85 -8.90 17.23
C GLN D 10 -22.10 -9.92 16.12
N GLU D 11 -21.57 -9.67 14.93
CA GLU D 11 -21.72 -10.61 13.83
C GLU D 11 -20.69 -11.73 13.84
N LEU D 12 -19.45 -11.44 14.27
CA LEU D 12 -18.45 -12.48 14.37
C LEU D 12 -18.87 -13.57 15.34
N ARG D 13 -19.47 -13.18 16.46
CA ARG D 13 -19.96 -14.16 17.42
C ARG D 13 -21.15 -14.95 16.88
N ARG D 14 -22.01 -14.30 16.11
CA ARG D 14 -23.13 -15.02 15.49
C ARG D 14 -22.63 -15.96 14.41
N ILE D 15 -21.62 -15.55 13.65
CA ILE D 15 -21.09 -16.41 12.60
C ILE D 15 -20.16 -17.47 13.18
N GLY D 16 -19.51 -17.18 14.30
CA GLY D 16 -18.70 -18.19 14.96
C GLY D 16 -19.52 -19.29 15.59
N ASP D 17 -20.56 -18.90 16.36
CA ASP D 17 -21.42 -19.87 17.02
C ASP D 17 -22.27 -20.66 16.02
N GLU D 18 -22.71 -20.01 14.94
CA GLU D 18 -23.46 -20.71 13.89
C GLU D 18 -22.64 -21.80 13.22
N PHE D 19 -21.32 -21.67 13.21
CA PHE D 19 -20.47 -22.67 12.56
C PHE D 19 -20.19 -23.85 13.48
N ASN D 20 -19.72 -23.58 14.69
CA ASN D 20 -19.32 -24.65 15.60
C ASN D 20 -20.50 -25.55 15.95
N ALA D 21 -21.71 -25.02 15.94
CA ALA D 21 -22.90 -25.80 16.22
C ALA D 21 -23.21 -26.76 15.07
C1 MPD E . 10.34 7.11 -16.20
C2 MPD E . 10.30 5.58 -16.25
O2 MPD E . 8.94 5.19 -16.57
CM MPD E . 11.18 5.06 -17.36
C3 MPD E . 10.73 4.99 -14.90
C4 MPD E . 9.72 4.02 -14.30
O4 MPD E . 8.40 4.42 -14.61
C5 MPD E . 9.91 2.60 -14.85
BR BR F . 19.26 20.60 -19.81
N1 IMD G . 12.48 24.01 -22.30
C2 IMD G . 11.74 22.90 -22.22
N3 IMD G . 12.51 21.89 -21.76
C4 IMD G . 13.74 22.38 -21.55
C5 IMD G . 13.72 23.71 -21.89
BR BR H . 21.64 -1.56 -10.21
#